data_5KH4
#
_entry.id   5KH4
#
_cell.length_a   58.107
_cell.length_b   44.550
_cell.length_c   115.542
_cell.angle_alpha   90.00
_cell.angle_beta   98.69
_cell.angle_gamma   90.00
#
_symmetry.space_group_name_H-M   'P 1 21 1'
#
loop_
_entity.id
_entity.type
_entity.pdbx_description
1 polymer 'Isoprenyl transferase'
2 non-polymer 'FARNESYL DIPHOSPHATE'
#
_entity_poly.entity_id   1
_entity_poly.type   'polypeptide(L)'
_entity_poly.pdbx_seq_one_letter_code
;MGSSHHHHHHSSGLVPRGSHMFGFFKKDKAVEVEVPTQVPAHIGIIMDGNGRWAKKRMQPRVFGHKAGMEALQTVTKAAN
KLGVKVITVYAFSTENWTRPDQEVKFIMNLPVEFYDNYVPELHANNVKIQMIGETDRLPKQTFEALTKAEELTKNNTGLI
LNFALNYGGRAEITQALKLISQDVLDAKINPGDITEELIGNYLFTQHLPKDLRDPDLIIRTSGELRLSNFLPWQGAYSEL
YFTDTLWPDFDEAALQEAILAYNRRHRRFGGV
;
_entity_poly.pdbx_strand_id   A,B
#
loop_
_chem_comp.id
_chem_comp.type
_chem_comp.name
_chem_comp.formula
FPP non-polymer 'FARNESYL DIPHOSPHATE' 'C15 H28 O7 P2'
#
# COMPACT_ATOMS: atom_id res chain seq x y z
N GLU A 34 -9.28 -25.90 21.47
CA GLU A 34 -10.04 -25.83 20.21
C GLU A 34 -10.93 -24.58 20.20
N VAL A 35 -10.82 -23.81 19.12
CA VAL A 35 -11.28 -22.41 19.03
C VAL A 35 -11.25 -21.99 17.56
N PRO A 36 -12.14 -21.12 17.12
CA PRO A 36 -12.12 -20.72 15.70
C PRO A 36 -11.26 -19.49 15.43
N THR A 37 -10.66 -19.49 14.25
CA THR A 37 -9.90 -18.31 13.85
C THR A 37 -10.76 -17.45 12.96
N GLN A 38 -10.58 -16.16 13.15
CA GLN A 38 -11.07 -15.17 12.21
C GLN A 38 -10.47 -15.45 10.84
N VAL A 39 -11.30 -15.46 9.80
CA VAL A 39 -10.88 -15.82 8.45
C VAL A 39 -11.09 -14.61 7.54
N PRO A 40 -10.11 -14.23 6.73
CA PRO A 40 -10.30 -13.10 5.82
C PRO A 40 -11.27 -13.36 4.66
N ALA A 41 -12.18 -12.40 4.47
CA ALA A 41 -13.24 -12.51 3.47
C ALA A 41 -12.68 -12.38 2.07
N HIS A 42 -11.68 -11.52 1.88
CA HIS A 42 -11.03 -11.20 0.61
C HIS A 42 -9.53 -11.33 0.80
N ILE A 43 -8.88 -12.22 0.07
CA ILE A 43 -7.43 -12.41 0.14
C ILE A 43 -6.76 -12.00 -1.17
N GLY A 44 -5.87 -11.01 -1.09
CA GLY A 44 -4.98 -10.66 -2.18
C GLY A 44 -3.75 -11.55 -2.08
N ILE A 45 -3.22 -11.96 -3.24
CA ILE A 45 -2.05 -12.83 -3.22
C ILE A 45 -1.05 -12.36 -4.26
N ILE A 46 0.13 -12.01 -3.80
CA ILE A 46 1.27 -11.69 -4.66
C ILE A 46 2.12 -12.96 -4.76
N MET A 47 2.06 -13.58 -5.93
CA MET A 47 2.65 -14.89 -6.24
C MET A 47 4.10 -14.74 -6.64
N ASP A 48 5.02 -14.90 -5.69
CA ASP A 48 6.42 -14.74 -6.02
C ASP A 48 7.17 -16.04 -5.80
N GLY A 49 8.23 -16.22 -6.57
CA GLY A 49 9.11 -17.35 -6.40
C GLY A 49 9.00 -18.41 -7.48
N ASN A 50 8.24 -18.19 -8.55
CA ASN A 50 8.15 -19.21 -9.58
C ASN A 50 9.52 -19.48 -10.18
N GLY A 51 10.26 -18.42 -10.50
CA GLY A 51 11.61 -18.60 -11.03
C GLY A 51 12.57 -19.25 -10.04
N ARG A 52 12.60 -18.74 -8.80
CA ARG A 52 13.44 -19.37 -7.79
C ARG A 52 13.08 -20.83 -7.62
N TRP A 53 11.78 -21.15 -7.59
CA TRP A 53 11.33 -22.53 -7.46
C TRP A 53 11.87 -23.41 -8.59
N ALA A 54 11.81 -22.93 -9.83
CA ALA A 54 12.32 -23.71 -10.93
C ALA A 54 13.84 -23.83 -10.90
N LYS A 55 14.56 -22.73 -10.66
CA LYS A 55 16.01 -22.85 -10.62
C LYS A 55 16.45 -23.77 -9.49
N LYS A 56 15.79 -23.69 -8.33
CA LYS A 56 16.12 -24.57 -7.23
C LYS A 56 15.92 -26.04 -7.59
N ARG A 57 14.96 -26.34 -8.46
CA ARG A 57 14.70 -27.71 -8.89
C ARG A 57 15.34 -28.12 -10.21
N MET A 58 16.31 -27.35 -10.76
CA MET A 58 16.94 -27.72 -12.04
C MET A 58 15.93 -27.92 -13.17
N GLN A 59 14.91 -27.08 -13.18
CA GLN A 59 13.80 -27.12 -14.10
C GLN A 59 13.91 -25.82 -14.88
N PRO A 60 13.30 -25.71 -16.06
CA PRO A 60 13.43 -24.43 -16.76
C PRO A 60 12.65 -23.39 -16.00
N ARG A 61 13.07 -22.13 -16.15
CA ARG A 61 12.42 -21.07 -15.40
C ARG A 61 10.90 -21.09 -15.62
N VAL A 62 10.48 -21.13 -16.88
CA VAL A 62 9.06 -21.11 -17.24
C VAL A 62 8.26 -22.22 -16.58
N PHE A 63 8.82 -23.42 -16.46
CA PHE A 63 8.12 -24.55 -15.83
C PHE A 63 7.57 -24.17 -14.46
N GLY A 64 8.33 -23.39 -13.70
CA GLY A 64 7.87 -22.97 -12.39
C GLY A 64 6.55 -22.23 -12.47
N HIS A 65 6.36 -21.45 -13.53
CA HIS A 65 5.13 -20.69 -13.64
C HIS A 65 3.95 -21.60 -13.89
N LYS A 66 4.13 -22.71 -14.61
CA LYS A 66 3.03 -23.66 -14.69
C LYS A 66 2.76 -24.25 -13.32
N ALA A 67 3.83 -24.55 -12.59
CA ALA A 67 3.68 -24.97 -11.19
C ALA A 67 3.06 -23.87 -10.34
N GLY A 68 3.36 -22.61 -10.64
CA GLY A 68 2.66 -21.54 -9.94
C GLY A 68 1.17 -21.60 -10.17
N MET A 69 0.76 -21.90 -11.40
CA MET A 69 -0.66 -22.08 -11.71
C MET A 69 -1.24 -23.30 -11.01
N GLU A 70 -0.44 -24.36 -10.91
CA GLU A 70 -0.84 -25.56 -10.18
C GLU A 70 -1.06 -25.24 -8.71
N ALA A 71 -0.17 -24.46 -8.11
CA ALA A 71 -0.34 -24.02 -6.74
C ALA A 71 -1.66 -23.27 -6.57
N LEU A 72 -1.99 -22.38 -7.51
CA LEU A 72 -3.22 -21.60 -7.45
C LEU A 72 -4.47 -22.48 -7.38
N GLN A 73 -4.50 -23.58 -8.12
CA GLN A 73 -5.65 -24.48 -8.03
C GLN A 73 -5.80 -25.01 -6.60
N THR A 74 -4.70 -25.51 -6.02
CA THR A 74 -4.70 -25.95 -4.63
C THR A 74 -5.11 -24.83 -3.67
N VAL A 75 -4.50 -23.64 -3.80
CA VAL A 75 -4.84 -22.56 -2.89
C VAL A 75 -6.26 -22.13 -3.11
N THR A 76 -6.65 -22.00 -4.37
CA THR A 76 -8.02 -21.62 -4.68
C THR A 76 -8.99 -22.64 -4.09
N LYS A 77 -8.74 -23.94 -4.30
CA LYS A 77 -9.60 -24.96 -3.71
C LYS A 77 -9.61 -24.89 -2.19
N ALA A 78 -8.44 -24.77 -1.57
CA ALA A 78 -8.38 -24.77 -0.11
C ALA A 78 -9.12 -23.56 0.48
N ALA A 79 -8.93 -22.38 -0.10
CA ALA A 79 -9.62 -21.19 0.37
C ALA A 79 -11.14 -21.36 0.27
N ASN A 80 -11.61 -21.88 -0.85
CA ASN A 80 -13.03 -22.17 -1.02
C ASN A 80 -13.56 -23.09 0.09
N LYS A 81 -12.79 -24.12 0.47
CA LYS A 81 -13.24 -24.98 1.56
C LYS A 81 -13.39 -24.19 2.85
N LEU A 82 -12.42 -23.32 3.17
CA LEU A 82 -12.48 -22.53 4.39
C LEU A 82 -13.50 -21.40 4.34
N GLY A 83 -14.07 -21.05 3.19
CA GLY A 83 -15.07 -20.01 3.19
C GLY A 83 -14.62 -18.62 2.84
N VAL A 84 -13.50 -18.46 2.16
CA VAL A 84 -13.08 -17.16 1.69
C VAL A 84 -13.96 -16.74 0.52
N LYS A 85 -14.38 -15.49 0.50
CA LYS A 85 -15.32 -15.10 -0.54
C LYS A 85 -14.60 -14.70 -1.83
N VAL A 86 -13.46 -14.03 -1.73
CA VAL A 86 -12.70 -13.52 -2.89
C VAL A 86 -11.22 -13.81 -2.73
N ILE A 87 -10.57 -14.18 -3.85
CA ILE A 87 -9.11 -14.13 -3.95
C ILE A 87 -8.69 -13.34 -5.18
N THR A 88 -7.87 -12.31 -4.97
CA THR A 88 -7.25 -11.56 -6.06
C THR A 88 -5.80 -11.97 -6.07
N VAL A 89 -5.35 -12.56 -7.16
CA VAL A 89 -4.01 -13.10 -7.23
C VAL A 89 -3.33 -12.21 -8.22
N TYR A 90 -2.09 -11.83 -7.97
CA TYR A 90 -1.51 -10.89 -8.91
C TYR A 90 -0.86 -11.83 -9.91
N ALA A 91 -1.40 -11.85 -11.13
CA ALA A 91 -0.90 -12.67 -12.23
C ALA A 91 0.18 -12.00 -13.08
N PHE A 92 -0.19 -10.95 -13.78
CA PHE A 92 0.77 -10.29 -14.68
C PHE A 92 0.69 -8.77 -14.53
N SER A 93 1.66 -8.17 -13.81
CA SER A 93 1.74 -6.70 -13.72
C SER A 93 2.25 -6.10 -15.01
N THR A 94 1.86 -4.85 -15.29
CA THR A 94 2.25 -4.20 -16.54
C THR A 94 3.76 -4.04 -16.65
N GLU A 95 4.49 -4.01 -15.52
CA GLU A 95 5.95 -4.01 -15.61
C GLU A 95 6.47 -5.35 -16.13
N ASN A 96 5.66 -6.40 -16.06
CA ASN A 96 6.13 -7.74 -16.39
C ASN A 96 6.37 -7.92 -17.90
N TRP A 97 5.81 -7.04 -18.75
CA TRP A 97 5.97 -7.16 -20.22
C TRP A 97 7.41 -6.94 -20.67
N THR A 98 8.26 -6.39 -19.81
CA THR A 98 9.66 -6.19 -20.19
C THR A 98 10.41 -7.53 -20.32
N ARG A 99 10.01 -8.56 -19.54
CA ARG A 99 10.62 -9.89 -19.54
C ARG A 99 10.78 -10.41 -20.96
N PRO A 100 11.65 -11.40 -21.17
CA PRO A 100 11.90 -11.86 -22.54
C PRO A 100 10.63 -12.40 -23.17
N ASP A 101 10.35 -11.94 -24.39
CA ASP A 101 9.15 -12.34 -25.13
C ASP A 101 8.79 -13.80 -24.84
N GLN A 102 9.79 -14.67 -24.83
CA GLN A 102 9.54 -16.09 -24.60
C GLN A 102 8.80 -16.31 -23.29
N GLU A 103 9.35 -15.80 -22.18
CA GLU A 103 8.69 -15.92 -20.88
C GLU A 103 7.29 -15.35 -20.93
N VAL A 104 7.14 -14.20 -21.57
CA VAL A 104 5.81 -13.65 -21.76
C VAL A 104 4.98 -14.59 -22.61
N LYS A 105 5.55 -15.09 -23.72
CA LYS A 105 4.80 -16.01 -24.58
C LYS A 105 4.34 -17.23 -23.79
N PHE A 106 5.21 -17.76 -22.90
CA PHE A 106 4.87 -18.93 -22.08
C PHE A 106 3.81 -18.61 -21.02
N ILE A 107 3.94 -17.46 -20.33
CA ILE A 107 2.93 -17.08 -19.33
C ILE A 107 1.58 -16.88 -20.00
N MET A 108 1.56 -16.12 -21.10
CA MET A 108 0.29 -15.78 -21.76
C MET A 108 -0.44 -17.01 -22.27
N ASN A 109 0.28 -18.09 -22.65
CA ASN A 109 -0.41 -19.33 -22.99
C ASN A 109 -1.06 -19.97 -21.75
N LEU A 110 -0.57 -19.65 -20.54
CA LEU A 110 -1.05 -20.24 -19.29
C LEU A 110 -2.57 -20.20 -19.22
N PRO A 111 -3.24 -19.05 -19.45
CA PRO A 111 -4.70 -19.02 -19.27
C PRO A 111 -5.42 -19.94 -20.28
N VAL A 112 -4.77 -20.33 -21.39
CA VAL A 112 -5.36 -21.31 -22.31
C VAL A 112 -5.41 -22.69 -21.65
N GLU A 113 -4.27 -23.19 -21.13
CA GLU A 113 -4.33 -24.47 -20.43
C GLU A 113 -5.22 -24.35 -19.21
N PHE A 114 -5.21 -23.20 -18.53
CA PHE A 114 -6.09 -23.13 -17.36
C PHE A 114 -7.56 -23.29 -17.77
N TYR A 115 -7.98 -22.71 -18.90
CA TYR A 115 -9.35 -22.94 -19.34
C TYR A 115 -9.57 -24.40 -19.68
N ASP A 116 -8.64 -25.00 -20.43
CA ASP A 116 -8.87 -26.39 -20.82
C ASP A 116 -8.75 -27.35 -19.63
N ASN A 117 -7.71 -27.20 -18.83
CA ASN A 117 -7.32 -28.21 -17.86
C ASN A 117 -7.69 -27.92 -16.41
N TYR A 118 -8.12 -26.71 -16.07
CA TYR A 118 -8.29 -26.37 -14.66
C TYR A 118 -9.63 -25.72 -14.40
N VAL A 119 -10.13 -24.94 -15.34
CA VAL A 119 -11.38 -24.23 -15.10
C VAL A 119 -12.51 -25.21 -14.85
N PRO A 120 -12.64 -26.32 -15.57
CA PRO A 120 -13.66 -27.30 -15.19
C PRO A 120 -13.68 -27.66 -13.71
N GLU A 121 -12.52 -27.92 -13.08
CA GLU A 121 -12.51 -28.26 -11.65
C GLU A 121 -12.90 -27.09 -10.75
N LEU A 122 -12.52 -25.87 -11.12
CA LEU A 122 -12.98 -24.74 -10.32
C LEU A 122 -14.48 -24.57 -10.49
N HIS A 123 -14.97 -24.76 -11.71
CA HIS A 123 -16.41 -24.73 -11.99
C HIS A 123 -17.17 -25.80 -11.22
N ALA A 124 -16.64 -27.02 -11.18
CA ALA A 124 -17.28 -28.06 -10.38
C ALA A 124 -17.29 -27.73 -8.90
N ASN A 125 -16.31 -26.97 -8.45
CA ASN A 125 -16.23 -26.49 -7.08
C ASN A 125 -16.97 -25.18 -6.83
N ASN A 126 -17.82 -24.72 -7.74
CA ASN A 126 -18.61 -23.51 -7.53
C ASN A 126 -17.75 -22.23 -7.43
N VAL A 127 -16.66 -22.17 -8.19
CA VAL A 127 -15.75 -21.03 -8.19
C VAL A 127 -16.09 -20.09 -9.34
N LYS A 128 -16.26 -18.82 -9.03
CA LYS A 128 -16.48 -17.80 -10.06
C LYS A 128 -15.15 -17.24 -10.53
N ILE A 129 -14.93 -17.17 -11.84
CA ILE A 129 -13.67 -16.63 -12.37
C ILE A 129 -13.98 -15.26 -12.95
N GLN A 130 -13.20 -14.26 -12.54
CA GLN A 130 -13.29 -12.90 -13.02
C GLN A 130 -11.88 -12.40 -13.22
N MET A 131 -11.70 -11.38 -14.06
CA MET A 131 -10.38 -10.79 -14.27
C MET A 131 -10.43 -9.27 -14.14
N ILE A 132 -9.38 -8.70 -13.55
CA ILE A 132 -9.18 -7.25 -13.46
C ILE A 132 -7.82 -6.95 -14.05
N GLY A 133 -7.71 -5.76 -14.62
CA GLY A 133 -6.54 -5.29 -15.32
C GLY A 133 -6.91 -4.77 -16.66
N GLU A 134 -5.91 -4.43 -17.47
CA GLU A 134 -6.20 -3.87 -18.77
C GLU A 134 -6.25 -5.05 -19.73
N THR A 135 -7.40 -5.28 -20.34
CA THR A 135 -7.55 -6.42 -21.23
C THR A 135 -7.13 -6.08 -22.66
N ASP A 136 -7.36 -4.83 -23.06
CA ASP A 136 -7.10 -4.40 -24.44
C ASP A 136 -5.73 -4.85 -24.94
N ARG A 137 -4.68 -4.85 -24.09
CA ARG A 137 -3.35 -5.20 -24.58
C ARG A 137 -2.93 -6.67 -24.37
N LEU A 138 -3.93 -7.65 -24.15
CA LEU A 138 -3.67 -9.08 -24.00
C LEU A 138 -3.66 -9.79 -25.36
N PRO A 139 -2.96 -10.93 -25.53
CA PRO A 139 -3.17 -11.71 -26.75
C PRO A 139 -4.61 -12.23 -26.85
N LYS A 140 -4.99 -12.64 -28.06
CA LYS A 140 -6.38 -13.05 -28.30
C LYS A 140 -6.66 -14.42 -27.69
N GLN A 141 -5.77 -15.40 -27.91
CA GLN A 141 -6.01 -16.68 -27.30
C GLN A 141 -6.10 -16.55 -25.79
N THR A 142 -5.36 -15.59 -25.22
CA THR A 142 -5.40 -15.40 -23.77
C THR A 142 -6.70 -14.74 -23.33
N PHE A 143 -7.07 -13.66 -24.03
CA PHE A 143 -8.31 -12.96 -23.73
C PHE A 143 -9.53 -13.84 -23.92
N GLU A 144 -9.53 -14.63 -25.00
CA GLU A 144 -10.64 -15.54 -25.22
C GLU A 144 -10.70 -16.63 -24.17
N ALA A 145 -9.56 -17.15 -23.73
CA ALA A 145 -9.62 -18.20 -22.73
C ALA A 145 -10.12 -17.66 -21.40
N LEU A 146 -9.72 -16.45 -21.07
CA LEU A 146 -10.20 -15.83 -19.85
C LEU A 146 -11.69 -15.50 -19.92
N THR A 147 -12.13 -14.90 -21.03
CA THR A 147 -13.54 -14.50 -21.15
C THR A 147 -14.50 -15.70 -21.17
N LYS A 148 -14.13 -16.78 -21.87
CA LYS A 148 -14.91 -18.01 -21.81
C LYS A 148 -14.94 -18.54 -20.38
N ALA A 149 -13.77 -18.57 -19.73
CA ALA A 149 -13.69 -18.98 -18.33
C ALA A 149 -14.69 -18.22 -17.48
N GLU A 150 -14.85 -16.93 -17.77
CA GLU A 150 -15.83 -16.13 -17.06
C GLU A 150 -17.24 -16.58 -17.39
N GLU A 151 -17.54 -16.63 -18.69
CA GLU A 151 -18.86 -17.00 -19.16
C GLU A 151 -19.30 -18.37 -18.66
N LEU A 152 -18.38 -19.34 -18.64
CA LEU A 152 -18.71 -20.64 -18.09
C LEU A 152 -19.22 -20.54 -16.65
N THR A 153 -18.51 -19.80 -15.81
CA THR A 153 -18.68 -19.79 -14.37
C THR A 153 -19.48 -18.62 -13.85
N LYS A 154 -20.10 -17.84 -14.73
CA LYS A 154 -20.67 -16.57 -14.25
C LYS A 154 -21.82 -16.77 -13.28
N ASN A 155 -22.48 -17.91 -13.27
CA ASN A 155 -23.55 -18.11 -12.30
C ASN A 155 -23.07 -18.75 -11.01
N ASN A 156 -21.80 -19.16 -10.93
CA ASN A 156 -21.32 -19.85 -9.74
C ASN A 156 -21.32 -18.90 -8.54
N THR A 157 -21.70 -19.43 -7.38
CA THR A 157 -21.92 -18.65 -6.17
C THR A 157 -20.88 -18.87 -5.08
N GLY A 158 -19.82 -19.61 -5.35
CA GLY A 158 -18.78 -19.78 -4.37
C GLY A 158 -17.70 -18.72 -4.43
N LEU A 159 -16.51 -19.12 -3.98
CA LEU A 159 -15.35 -18.22 -3.97
C LEU A 159 -15.17 -17.58 -5.34
N ILE A 160 -14.83 -16.30 -5.33
CA ILE A 160 -14.51 -15.58 -6.56
C ILE A 160 -12.99 -15.57 -6.74
N LEU A 161 -12.51 -16.31 -7.75
CA LEU A 161 -11.09 -16.27 -8.12
C LEU A 161 -10.92 -15.07 -9.04
N ASN A 162 -10.25 -14.04 -8.53
CA ASN A 162 -10.04 -12.79 -9.23
C ASN A 162 -8.62 -12.67 -9.79
N PHE A 163 -8.50 -12.83 -11.10
CA PHE A 163 -7.23 -12.73 -11.80
C PHE A 163 -6.88 -11.27 -12.07
N ALA A 164 -5.77 -10.80 -11.52
CA ALA A 164 -5.22 -9.49 -11.85
C ALA A 164 -4.23 -9.70 -12.99
N LEU A 165 -4.63 -9.33 -14.21
CA LEU A 165 -3.79 -9.49 -15.40
C LEU A 165 -3.67 -8.16 -16.12
N ASN A 166 -2.45 -7.86 -16.54
CA ASN A 166 -2.09 -6.56 -17.11
C ASN A 166 -2.50 -5.42 -16.18
N TYR A 167 -2.28 -5.63 -14.87
CA TYR A 167 -2.79 -4.75 -13.82
C TYR A 167 -1.65 -3.97 -13.19
N GLY A 168 -1.89 -2.68 -12.94
CA GLY A 168 -1.06 -1.86 -12.07
C GLY A 168 -1.92 -0.91 -11.27
N GLY A 169 -1.68 -0.85 -9.96
CA GLY A 169 -2.47 0.03 -9.09
C GLY A 169 -2.48 1.50 -9.46
N ARG A 170 -1.30 2.09 -9.65
CA ARG A 170 -1.29 3.49 -10.07
C ARG A 170 -2.02 3.65 -11.39
N ALA A 171 -1.78 2.73 -12.32
CA ALA A 171 -2.50 2.76 -13.59
C ALA A 171 -4.01 2.58 -13.38
N GLU A 172 -4.41 1.65 -12.51
CA GLU A 172 -5.82 1.47 -12.18
C GLU A 172 -6.45 2.75 -11.67
N ILE A 173 -5.80 3.42 -10.72
CA ILE A 173 -6.32 4.67 -10.18
C ILE A 173 -6.34 5.75 -11.25
N THR A 174 -5.33 5.78 -12.14
CA THR A 174 -5.34 6.80 -13.18
C THR A 174 -6.53 6.63 -14.12
N GLN A 175 -6.81 5.40 -14.56
CA GLN A 175 -8.00 5.23 -15.39
C GLN A 175 -9.26 5.57 -14.61
N ALA A 176 -9.28 5.25 -13.32
CA ALA A 176 -10.41 5.63 -12.50
C ALA A 176 -10.56 7.13 -12.37
N LEU A 177 -9.45 7.85 -12.16
CA LEU A 177 -9.51 9.31 -12.10
C LEU A 177 -9.77 9.95 -13.46
N LYS A 178 -9.37 9.29 -14.55
CA LYS A 178 -9.58 9.86 -15.88
C LYS A 178 -11.05 9.84 -16.26
N LEU A 179 -11.69 8.67 -16.14
CA LEU A 179 -13.13 8.52 -16.40
C LEU A 179 -13.99 9.51 -15.60
N ILE A 180 -13.62 9.74 -14.34
CA ILE A 180 -14.34 10.71 -13.50
C ILE A 180 -14.21 12.11 -14.08
N SER A 181 -12.99 12.52 -14.44
CA SER A 181 -12.84 13.80 -15.11
C SER A 181 -13.77 13.87 -16.31
N GLN A 182 -13.88 12.78 -17.09
CA GLN A 182 -14.75 12.75 -18.25
C GLN A 182 -16.23 12.81 -17.90
N ASP A 183 -16.64 12.14 -16.81
CA ASP A 183 -18.01 12.29 -16.35
C ASP A 183 -18.32 13.66 -15.73
N VAL A 184 -17.33 14.35 -15.16
CA VAL A 184 -17.51 15.73 -14.70
C VAL A 184 -17.66 16.72 -15.86
N LEU A 185 -16.88 16.55 -16.94
CA LEU A 185 -17.05 17.41 -18.11
C LEU A 185 -18.40 17.18 -18.75
N ASP A 186 -18.83 15.92 -18.75
CA ASP A 186 -20.15 15.62 -19.25
C ASP A 186 -21.23 16.08 -18.29
N ALA A 187 -20.86 16.48 -17.08
CA ALA A 187 -21.78 16.99 -16.06
C ALA A 187 -22.69 15.88 -15.54
N LYS A 188 -22.25 14.62 -15.66
CA LYS A 188 -22.93 13.48 -15.06
C LYS A 188 -22.79 13.48 -13.54
N ILE A 189 -21.59 13.79 -13.05
CA ILE A 189 -21.35 14.02 -11.63
C ILE A 189 -20.82 15.44 -11.51
N ASN A 190 -21.29 16.16 -10.46
CA ASN A 190 -20.70 17.45 -10.11
C ASN A 190 -19.40 17.18 -9.37
N PRO A 191 -18.42 18.08 -9.49
CA PRO A 191 -17.17 17.89 -8.73
C PRO A 191 -17.45 17.67 -7.25
N GLY A 192 -18.53 18.26 -6.73
CA GLY A 192 -18.98 17.98 -5.37
C GLY A 192 -19.34 16.53 -5.08
N ASP A 193 -19.79 15.77 -6.08
CA ASP A 193 -20.09 14.35 -5.89
C ASP A 193 -18.85 13.47 -5.74
N ILE A 194 -17.64 13.97 -6.00
CA ILE A 194 -16.39 13.18 -5.88
C ILE A 194 -16.02 12.90 -4.43
N THR A 195 -16.24 11.66 -3.99
CA THR A 195 -15.88 11.23 -2.65
C THR A 195 -15.06 9.95 -2.71
N GLU A 196 -14.52 9.52 -1.56
CA GLU A 196 -13.85 8.22 -1.51
C GLU A 196 -14.75 7.09 -2.02
N GLU A 197 -16.02 7.09 -1.60
CA GLU A 197 -16.93 6.05 -2.07
C GLU A 197 -16.99 6.07 -3.60
N LEU A 198 -16.91 7.26 -4.19
CA LEU A 198 -17.08 7.39 -5.64
C LEU A 198 -15.89 6.81 -6.39
N ILE A 199 -14.67 7.17 -5.98
CA ILE A 199 -13.48 6.66 -6.65
C ILE A 199 -13.46 5.14 -6.61
N GLY A 200 -13.87 4.57 -5.46
CA GLY A 200 -14.01 3.13 -5.32
C GLY A 200 -14.87 2.45 -6.36
N ASN A 201 -15.96 3.09 -6.77
CA ASN A 201 -16.85 2.55 -7.81
C ASN A 201 -16.25 2.52 -9.22
N TYR A 202 -15.16 3.23 -9.48
CA TYR A 202 -14.50 3.27 -10.77
C TYR A 202 -13.26 2.40 -10.87
N LEU A 203 -12.78 1.83 -9.78
CA LEU A 203 -11.63 0.94 -9.84
C LEU A 203 -12.05 -0.39 -10.47
N PHE A 204 -11.04 -1.21 -10.84
CA PHE A 204 -11.36 -2.47 -11.48
C PHE A 204 -12.08 -3.40 -10.54
N THR A 205 -11.97 -3.17 -9.24
CA THR A 205 -12.68 -3.96 -8.26
C THR A 205 -14.13 -3.53 -8.04
N GLN A 206 -14.63 -2.55 -8.81
CA GLN A 206 -16.02 -2.09 -8.74
C GLN A 206 -17.04 -3.23 -8.88
N HIS A 207 -16.71 -4.25 -9.71
CA HIS A 207 -17.63 -5.36 -9.99
C HIS A 207 -17.85 -6.30 -8.80
N LEU A 208 -16.97 -6.29 -7.82
CA LEU A 208 -17.16 -6.99 -6.55
C LEU A 208 -18.20 -6.31 -5.64
N PRO A 209 -18.88 -7.07 -4.79
CA PRO A 209 -19.78 -6.46 -3.79
C PRO A 209 -19.02 -5.48 -2.89
N LYS A 210 -19.72 -4.45 -2.41
CA LYS A 210 -18.98 -3.35 -1.78
C LYS A 210 -18.31 -3.80 -0.49
N ASP A 211 -18.98 -4.58 0.36
CA ASP A 211 -18.27 -4.99 1.58
C ASP A 211 -17.10 -5.94 1.30
N LEU A 212 -16.97 -6.45 0.08
CA LEU A 212 -15.88 -7.35 -0.28
C LEU A 212 -14.84 -6.77 -1.25
N ARG A 213 -14.99 -5.50 -1.67
CA ARG A 213 -14.06 -4.94 -2.66
C ARG A 213 -12.62 -4.89 -2.16
N ASP A 214 -12.42 -4.68 -0.82
CA ASP A 214 -11.07 -4.47 -0.27
C ASP A 214 -10.54 -5.75 0.37
N PRO A 215 -9.35 -6.21 0.00
CA PRO A 215 -8.77 -7.39 0.65
C PRO A 215 -8.59 -7.18 2.13
N ASP A 216 -8.96 -8.20 2.89
CA ASP A 216 -8.70 -8.20 4.31
C ASP A 216 -7.29 -8.61 4.59
N LEU A 217 -6.73 -9.45 3.74
CA LEU A 217 -5.38 -9.97 3.89
C LEU A 217 -4.71 -9.93 2.53
N ILE A 218 -3.42 -9.56 2.53
CA ILE A 218 -2.61 -9.67 1.33
C ILE A 218 -1.42 -10.53 1.67
N ILE A 219 -1.22 -11.60 0.91
CA ILE A 219 -0.15 -12.55 1.14
C ILE A 219 0.94 -12.29 0.12
N ARG A 220 2.18 -12.25 0.58
CA ARG A 220 3.27 -12.26 -0.37
C ARG A 220 4.23 -13.37 0.02
N THR A 221 4.60 -14.17 -0.95
CA THR A 221 5.50 -15.30 -0.78
C THR A 221 6.92 -14.95 -1.19
N SER A 222 7.86 -15.87 -0.89
CA SER A 222 9.25 -15.79 -1.31
C SER A 222 10.04 -14.76 -0.54
N GLY A 223 9.54 -14.31 0.61
CA GLY A 223 10.37 -13.44 1.43
C GLY A 223 10.43 -11.98 0.99
N GLU A 224 9.66 -11.56 -0.02
CA GLU A 224 9.74 -10.17 -0.46
C GLU A 224 8.82 -9.29 0.38
N LEU A 225 9.41 -8.23 0.95
CA LEU A 225 8.69 -7.23 1.73
C LEU A 225 8.41 -5.94 0.96
N ARG A 226 8.25 -6.04 -0.34
CA ARG A 226 7.92 -4.89 -1.18
C ARG A 226 6.41 -4.93 -1.46
N LEU A 227 5.83 -3.78 -1.84
CA LEU A 227 4.41 -3.86 -2.21
C LEU A 227 4.13 -4.04 -3.70
N SER A 228 5.03 -3.67 -4.58
CA SER A 228 4.87 -3.89 -6.02
C SER A 228 3.53 -3.44 -6.60
N ASN A 229 3.03 -2.27 -6.20
CA ASN A 229 1.88 -1.68 -6.91
C ASN A 229 0.63 -2.58 -6.92
N PHE A 230 0.35 -3.37 -5.90
CA PHE A 230 -0.80 -4.28 -5.94
C PHE A 230 -1.94 -3.69 -5.12
N LEU A 231 -3.08 -3.41 -5.75
CA LEU A 231 -4.24 -2.85 -5.07
C LEU A 231 -3.88 -1.72 -4.12
N PRO A 232 -3.15 -0.71 -4.56
CA PRO A 232 -2.73 0.34 -3.62
C PRO A 232 -3.90 1.00 -2.94
N TRP A 233 -4.97 1.29 -3.67
CA TRP A 233 -6.18 1.82 -3.03
C TRP A 233 -6.86 0.77 -2.15
N GLN A 234 -7.22 -0.36 -2.73
CA GLN A 234 -8.08 -1.30 -2.02
C GLN A 234 -7.38 -1.92 -0.80
N GLY A 235 -6.08 -2.14 -0.88
CA GLY A 235 -5.34 -2.70 0.22
C GLY A 235 -4.88 -1.71 1.26
N ALA A 236 -5.36 -0.47 1.21
CA ALA A 236 -4.84 0.58 2.07
C ALA A 236 -4.85 0.18 3.53
N TYR A 237 -5.81 -0.65 3.95
CA TYR A 237 -5.91 -1.11 5.33
C TYR A 237 -5.66 -2.61 5.51
N SER A 238 -5.08 -3.31 4.55
CA SER A 238 -5.00 -4.75 4.68
C SER A 238 -3.95 -5.18 5.70
N GLU A 239 -4.24 -6.28 6.37
CA GLU A 239 -3.21 -6.98 7.14
C GLU A 239 -2.28 -7.59 6.11
N LEU A 240 -1.00 -7.61 6.40
CA LEU A 240 -0.01 -8.18 5.50
C LEU A 240 0.54 -9.44 6.12
N TYR A 241 0.85 -10.42 5.26
CA TYR A 241 1.49 -11.67 5.66
C TYR A 241 2.61 -11.98 4.70
N PHE A 242 3.82 -12.00 5.21
CA PHE A 242 4.95 -12.33 4.38
C PHE A 242 5.49 -13.69 4.78
N THR A 243 5.77 -14.53 3.81
CA THR A 243 6.35 -15.82 4.08
C THR A 243 7.49 -16.08 3.11
N ASP A 244 8.56 -16.75 3.58
CA ASP A 244 9.65 -17.14 2.69
C ASP A 244 9.27 -18.26 1.71
N THR A 245 8.21 -19.02 2.00
CA THR A 245 7.78 -20.06 1.08
C THR A 245 7.60 -19.52 -0.32
N LEU A 246 8.09 -20.28 -1.32
CA LEU A 246 7.92 -19.90 -2.72
C LEU A 246 6.50 -20.23 -3.18
N TRP A 247 5.97 -19.42 -4.10
CA TRP A 247 4.57 -19.59 -4.46
C TRP A 247 4.20 -21.00 -4.90
N PRO A 248 4.98 -21.69 -5.75
CA PRO A 248 4.60 -23.06 -6.14
C PRO A 248 4.58 -24.07 -5.03
N ASP A 249 5.24 -23.83 -3.89
CA ASP A 249 5.15 -24.66 -2.70
C ASP A 249 4.08 -24.19 -1.73
N PHE A 250 3.38 -23.10 -2.03
CA PHE A 250 2.32 -22.59 -1.17
C PHE A 250 1.06 -23.42 -1.38
N ASP A 251 0.60 -24.08 -0.32
CA ASP A 251 -0.48 -25.07 -0.41
C ASP A 251 -1.56 -24.83 0.65
N GLU A 252 -2.53 -25.75 0.76
CA GLU A 252 -3.55 -25.61 1.81
C GLU A 252 -2.91 -25.39 3.19
N ALA A 253 -1.86 -26.13 3.51
CA ALA A 253 -1.22 -25.95 4.81
C ALA A 253 -0.65 -24.54 4.95
N ALA A 254 0.04 -24.06 3.92
CA ALA A 254 0.55 -22.70 3.98
C ALA A 254 -0.57 -21.65 4.00
N LEU A 255 -1.67 -21.89 3.26
CA LEU A 255 -2.83 -20.99 3.32
C LEU A 255 -3.37 -20.95 4.73
N GLN A 256 -3.42 -22.10 5.39
CA GLN A 256 -3.91 -22.12 6.74
C GLN A 256 -2.97 -21.41 7.70
N GLU A 257 -1.65 -21.50 7.49
CA GLU A 257 -0.74 -20.68 8.30
C GLU A 257 -1.02 -19.19 8.15
N ALA A 258 -1.48 -18.76 6.97
CA ALA A 258 -1.77 -17.36 6.77
C ALA A 258 -3.11 -16.97 7.35
N ILE A 259 -4.16 -17.78 7.14
CA ILE A 259 -5.44 -17.42 7.76
C ILE A 259 -5.35 -17.45 9.28
N LEU A 260 -4.60 -18.38 9.85
CA LEU A 260 -4.40 -18.35 11.29
C LEU A 260 -3.74 -17.07 11.77
N ALA A 261 -2.59 -16.73 11.16
CA ALA A 261 -1.81 -15.53 11.45
C ALA A 261 -2.56 -14.25 11.24
N TYR A 262 -3.68 -14.30 10.55
CA TYR A 262 -4.52 -13.12 10.34
C TYR A 262 -4.94 -12.35 11.61
N ASN A 263 -5.37 -13.02 12.67
CA ASN A 263 -5.78 -12.21 13.88
C ASN A 263 -6.85 -11.21 13.44
N ARG A 264 -6.76 -9.94 13.83
CA ARG A 264 -7.85 -8.97 13.53
C ARG A 264 -7.70 -8.41 12.13
N VAL B 35 28.38 -2.62 6.61
CA VAL B 35 29.20 -1.52 6.10
C VAL B 35 29.84 -1.92 4.74
N PRO B 36 29.49 -1.23 3.65
CA PRO B 36 28.49 -0.18 3.55
C PRO B 36 27.16 -0.73 3.05
N THR B 37 26.06 -0.23 3.57
CA THR B 37 24.79 -0.62 3.02
C THR B 37 24.22 0.49 2.16
N GLN B 38 23.45 0.07 1.16
CA GLN B 38 22.55 0.98 0.47
C GLN B 38 21.66 1.66 1.51
N VAL B 39 21.50 2.97 1.36
CA VAL B 39 20.78 3.80 2.35
C VAL B 39 19.52 4.32 1.70
N PRO B 40 18.36 4.22 2.35
CA PRO B 40 17.14 4.79 1.74
C PRO B 40 17.12 6.30 1.71
N ALA B 41 16.79 6.84 0.54
CA ALA B 41 16.80 8.28 0.37
C ALA B 41 15.62 8.91 1.10
N HIS B 42 14.48 8.21 1.07
CA HIS B 42 13.22 8.64 1.68
C HIS B 42 12.68 7.50 2.54
N ILE B 43 12.52 7.73 3.84
CA ILE B 43 11.98 6.73 4.77
C ILE B 43 10.64 7.19 5.34
N GLY B 44 9.60 6.40 5.11
CA GLY B 44 8.31 6.59 5.79
C GLY B 44 8.33 5.90 7.15
N ILE B 45 7.68 6.51 8.14
CA ILE B 45 7.68 5.93 9.47
C ILE B 45 6.29 5.99 10.07
N ILE B 46 5.74 4.81 10.38
CA ILE B 46 4.48 4.63 11.11
C ILE B 46 4.82 4.37 12.58
N MET B 47 4.53 5.37 13.41
CA MET B 47 4.89 5.42 14.84
C MET B 47 3.88 4.72 15.73
N ASP B 48 4.13 3.45 16.05
CA ASP B 48 3.21 2.69 16.88
C ASP B 48 3.88 2.30 18.18
N GLY B 49 3.05 2.18 19.22
CA GLY B 49 3.49 1.70 20.51
C GLY B 49 3.57 2.79 21.56
N ASN B 50 3.12 4.02 21.29
CA ASN B 50 3.21 5.04 22.31
C ASN B 50 2.39 4.64 23.53
N GLY B 51 1.16 4.19 23.32
CA GLY B 51 0.34 3.72 24.42
C GLY B 51 0.87 2.48 25.11
N ARG B 52 1.23 1.45 24.33
CA ARG B 52 1.83 0.26 24.94
C ARG B 52 3.07 0.62 25.71
N TRP B 53 3.92 1.48 25.13
CA TRP B 53 5.12 1.91 25.83
C TRP B 53 4.78 2.58 27.15
N ALA B 54 3.80 3.47 27.15
CA ALA B 54 3.40 4.09 28.41
C ALA B 54 2.72 3.11 29.35
N LYS B 55 1.78 2.31 28.84
CA LYS B 55 1.10 1.35 29.71
C LYS B 55 2.07 0.36 30.33
N LYS B 56 3.05 -0.11 29.56
CA LYS B 56 4.05 -1.05 30.06
C LYS B 56 4.84 -0.50 31.24
N ARG B 57 5.06 0.81 31.27
CA ARG B 57 5.81 1.50 32.29
C ARG B 57 4.97 2.11 33.42
N MET B 58 3.68 1.73 33.56
CA MET B 58 2.80 2.32 34.61
C MET B 58 2.74 3.84 34.54
N GLN B 59 2.72 4.36 33.31
CA GLN B 59 2.76 5.76 32.93
C GLN B 59 1.42 6.07 32.25
N PRO B 60 0.98 7.34 32.17
CA PRO B 60 -0.30 7.57 31.50
C PRO B 60 -0.11 7.34 30.00
N ARG B 61 -1.21 7.00 29.32
CA ARG B 61 -1.13 6.68 27.91
C ARG B 61 -0.53 7.84 27.12
N VAL B 62 -1.08 9.02 27.31
CA VAL B 62 -0.65 10.24 26.62
C VAL B 62 0.86 10.49 26.79
N PHE B 63 1.40 10.22 27.98
CA PHE B 63 2.83 10.41 28.23
C PHE B 63 3.64 9.71 27.16
N GLY B 64 3.18 8.53 26.73
CA GLY B 64 3.87 7.78 25.70
C GLY B 64 4.01 8.57 24.40
N HIS B 65 3.01 9.37 24.07
CA HIS B 65 3.10 10.10 22.83
C HIS B 65 4.17 11.20 22.89
N LYS B 66 4.40 11.81 24.06
CA LYS B 66 5.53 12.74 24.16
C LYS B 66 6.87 12.03 24.00
N ALA B 67 7.03 10.85 24.62
CA ALA B 67 8.24 10.07 24.40
C ALA B 67 8.41 9.63 22.94
N GLY B 68 7.31 9.38 22.24
CA GLY B 68 7.43 9.14 20.81
C GLY B 68 8.01 10.36 20.12
N MET B 69 7.59 11.54 20.53
CA MET B 69 8.18 12.74 19.97
C MET B 69 9.65 12.85 20.35
N GLU B 70 9.99 12.44 21.56
CA GLU B 70 11.39 12.38 21.96
C GLU B 70 12.15 11.42 21.07
N ALA B 71 11.57 10.25 20.81
CA ALA B 71 12.16 9.28 19.90
C ALA B 71 12.39 9.90 18.51
N LEU B 72 11.40 10.63 18.00
CA LEU B 72 11.52 11.27 16.69
C LEU B 72 12.72 12.19 16.60
N GLN B 73 12.99 12.96 17.65
CA GLN B 73 14.18 13.80 17.61
C GLN B 73 15.43 12.95 17.42
N THR B 74 15.57 11.87 18.21
CA THR B 74 16.71 10.97 18.02
C THR B 74 16.76 10.37 16.62
N VAL B 75 15.64 9.81 16.12
CA VAL B 75 15.65 9.17 14.81
C VAL B 75 15.87 10.20 13.72
N THR B 76 15.22 11.35 13.83
CA THR B 76 15.40 12.41 12.85
C THR B 76 16.88 12.83 12.81
N LYS B 77 17.52 13.04 13.97
CA LYS B 77 18.95 13.38 14.00
C LYS B 77 19.81 12.27 13.39
N ALA B 78 19.53 11.02 13.78
CA ALA B 78 20.33 9.90 13.30
C ALA B 78 20.19 9.70 11.79
N ALA B 79 18.97 9.82 11.27
CA ALA B 79 18.76 9.69 9.82
C ALA B 79 19.55 10.75 9.06
N ASN B 80 19.49 11.99 9.55
CA ASN B 80 20.29 13.09 8.98
C ASN B 80 21.79 12.75 8.96
N LYS B 81 22.30 12.13 10.03
CA LYS B 81 23.71 11.75 10.03
C LYS B 81 23.99 10.76 8.90
N LEU B 82 23.13 9.75 8.72
CA LEU B 82 23.40 8.79 7.66
C LEU B 82 23.16 9.33 6.26
N GLY B 83 22.52 10.48 6.10
CA GLY B 83 22.35 10.99 4.75
C GLY B 83 21.00 10.66 4.15
N VAL B 84 20.02 10.34 4.95
CA VAL B 84 18.69 10.13 4.41
C VAL B 84 18.17 11.50 4.00
N LYS B 85 17.53 11.58 2.84
CA LYS B 85 17.14 12.90 2.35
C LYS B 85 15.80 13.36 2.88
N VAL B 86 14.83 12.46 3.02
CA VAL B 86 13.47 12.78 3.47
C VAL B 86 13.02 11.75 4.50
N ILE B 87 12.31 12.23 5.54
CA ILE B 87 11.50 11.33 6.37
C ILE B 87 10.08 11.84 6.48
N THR B 88 9.12 10.98 6.12
CA THR B 88 7.71 11.22 6.29
C THR B 88 7.28 10.30 7.41
N VAL B 89 6.79 10.90 8.48
CA VAL B 89 6.42 10.19 9.69
C VAL B 89 4.92 10.35 9.77
N TYR B 90 4.18 9.30 10.13
CA TYR B 90 2.75 9.46 10.09
C TYR B 90 2.47 9.91 11.51
N ALA B 91 2.04 11.17 11.67
CA ALA B 91 1.71 11.81 12.94
C ALA B 91 0.27 11.66 13.40
N PHE B 92 -0.67 12.23 12.65
CA PHE B 92 -2.07 12.20 13.07
C PHE B 92 -2.89 11.83 11.82
N SER B 93 -3.32 10.56 11.74
CA SER B 93 -4.17 10.09 10.65
C SER B 93 -5.59 10.60 10.79
N THR B 94 -6.30 10.70 9.66
CA THR B 94 -7.67 11.20 9.69
C THR B 94 -8.57 10.30 10.53
N GLU B 95 -8.24 9.01 10.64
CA GLU B 95 -9.02 8.11 11.49
C GLU B 95 -8.85 8.43 12.96
N ASN B 96 -7.80 9.20 13.34
CA ASN B 96 -7.44 9.43 14.74
C ASN B 96 -8.37 10.36 15.53
N TRP B 97 -9.18 11.21 14.87
CA TRP B 97 -10.02 12.16 15.60
C TRP B 97 -11.07 11.45 16.45
N THR B 98 -11.32 10.16 16.21
CA THR B 98 -12.31 9.46 17.00
C THR B 98 -11.88 9.31 18.46
N ARG B 99 -10.55 9.20 18.71
CA ARG B 99 -9.96 9.05 20.05
C ARG B 99 -10.53 10.07 21.03
N PRO B 100 -10.45 9.79 22.33
CA PRO B 100 -11.08 10.69 23.30
C PRO B 100 -10.42 12.07 23.23
N ASP B 101 -11.25 13.11 23.12
CA ASP B 101 -10.80 14.50 23.02
C ASP B 101 -9.51 14.78 23.78
N GLN B 102 -9.40 14.29 25.01
CA GLN B 102 -8.21 14.56 25.80
C GLN B 102 -6.95 14.12 25.06
N GLU B 103 -6.92 12.86 24.62
CA GLU B 103 -5.79 12.36 23.85
C GLU B 103 -5.53 13.22 22.62
N VAL B 104 -6.57 13.63 21.92
CA VAL B 104 -6.41 14.54 20.78
C VAL B 104 -5.85 15.88 21.24
N LYS B 105 -6.41 16.43 22.31
CA LYS B 105 -5.89 17.70 22.81
C LYS B 105 -4.42 17.58 23.17
N PHE B 106 -4.03 16.45 23.77
CA PHE B 106 -2.64 16.23 24.15
C PHE B 106 -1.73 16.03 22.95
N ILE B 107 -2.14 15.25 21.96
CA ILE B 107 -1.31 15.09 20.77
C ILE B 107 -1.16 16.44 20.07
N MET B 108 -2.28 17.13 19.88
CA MET B 108 -2.24 18.40 19.16
C MET B 108 -1.38 19.44 19.86
N ASN B 109 -1.28 19.41 21.20
CA ASN B 109 -0.34 20.33 21.86
C ASN B 109 1.13 19.96 21.55
N LEU B 110 1.40 18.70 21.20
CA LEU B 110 2.77 18.23 20.95
C LEU B 110 3.49 19.19 20.00
N PRO B 111 2.94 19.55 18.83
CA PRO B 111 3.69 20.40 17.90
C PRO B 111 4.01 21.79 18.47
N VAL B 112 3.29 22.24 19.50
CA VAL B 112 3.60 23.52 20.18
C VAL B 112 4.92 23.40 20.94
N GLU B 113 5.06 22.41 21.81
CA GLU B 113 6.35 22.26 22.48
C GLU B 113 7.45 21.96 21.48
N PHE B 114 7.17 21.20 20.41
CA PHE B 114 8.23 20.91 19.45
C PHE B 114 8.78 22.18 18.83
N TYR B 115 7.92 23.16 18.53
CA TYR B 115 8.47 24.41 18.03
C TYR B 115 9.32 25.10 19.09
N ASP B 116 8.83 25.17 20.34
CA ASP B 116 9.60 25.89 21.36
C ASP B 116 10.85 25.10 21.74
N ASN B 117 10.70 23.80 21.98
CA ASN B 117 11.71 22.96 22.64
C ASN B 117 12.51 22.02 21.73
N TYR B 118 12.15 21.83 20.48
CA TYR B 118 12.81 20.80 19.67
C TYR B 118 13.25 21.39 18.34
N VAL B 119 12.45 22.32 17.78
CA VAL B 119 12.76 22.85 16.46
C VAL B 119 14.13 23.53 16.50
N PRO B 120 14.49 24.29 17.54
CA PRO B 120 15.86 24.81 17.59
C PRO B 120 16.96 23.79 17.38
N GLU B 121 16.90 22.60 18.00
CA GLU B 121 17.97 21.63 17.74
C GLU B 121 17.94 21.07 16.33
N LEU B 122 16.75 20.86 15.76
CA LEU B 122 16.71 20.42 14.37
C LEU B 122 17.19 21.52 13.44
N HIS B 123 16.79 22.76 13.72
CA HIS B 123 17.28 23.90 12.96
C HIS B 123 18.81 24.02 13.07
N ALA B 124 19.35 23.83 14.27
CA ALA B 124 20.80 23.82 14.41
C ALA B 124 21.44 22.70 13.62
N ASN B 125 20.75 21.57 13.43
CA ASN B 125 21.23 20.47 12.61
C ASN B 125 20.89 20.58 11.12
N ASN B 126 20.42 21.73 10.64
CA ASN B 126 20.12 21.89 9.21
C ASN B 126 18.96 21.01 8.74
N VAL B 127 17.96 20.79 9.58
CA VAL B 127 16.79 19.96 9.26
C VAL B 127 15.65 20.86 8.77
N LYS B 128 15.10 20.52 7.61
CA LYS B 128 13.95 21.23 7.06
C LYS B 128 12.66 20.59 7.56
N ILE B 129 11.72 21.39 8.06
CA ILE B 129 10.46 20.85 8.56
C ILE B 129 9.38 21.21 7.56
N GLN B 130 8.61 20.20 7.14
CA GLN B 130 7.47 20.37 6.24
C GLN B 130 6.35 19.49 6.74
N MET B 131 5.14 19.86 6.36
CA MET B 131 3.96 19.08 6.70
C MET B 131 3.11 18.88 5.47
N ILE B 132 2.55 17.69 5.37
CA ILE B 132 1.57 17.28 4.36
C ILE B 132 0.38 16.72 5.13
N GLY B 133 -0.79 16.88 4.55
CA GLY B 133 -2.04 16.49 5.15
C GLY B 133 -3.02 17.63 5.11
N GLU B 134 -4.17 17.43 5.76
CA GLU B 134 -5.22 18.43 5.70
C GLU B 134 -5.05 19.38 6.88
N THR B 135 -4.82 20.64 6.58
CA THR B 135 -4.59 21.68 7.57
C THR B 135 -5.87 22.37 8.05
N ASP B 136 -6.86 22.54 7.17
CA ASP B 136 -8.05 23.30 7.52
C ASP B 136 -8.65 22.90 8.87
N ARG B 137 -8.65 21.60 9.22
CA ARG B 137 -9.27 21.15 10.48
C ARG B 137 -8.31 21.01 11.67
N LEU B 138 -7.15 21.66 11.67
CA LEU B 138 -6.22 21.61 12.79
C LEU B 138 -6.55 22.71 13.80
N PRO B 139 -6.23 22.57 15.10
CA PRO B 139 -6.31 23.73 15.99
C PRO B 139 -5.33 24.82 15.56
N LYS B 140 -5.56 26.03 16.08
CA LYS B 140 -4.74 27.17 15.66
C LYS B 140 -3.36 27.11 16.29
N GLN B 141 -3.30 26.81 17.59
CA GLN B 141 -2.00 26.75 18.23
C GLN B 141 -1.11 25.70 17.56
N THR B 142 -1.72 24.62 17.07
CA THR B 142 -0.95 23.55 16.42
C THR B 142 -0.51 23.96 15.01
N PHE B 143 -1.42 24.51 14.24
CA PHE B 143 -1.10 24.97 12.91
C PHE B 143 -0.05 26.07 12.91
N GLU B 144 -0.17 27.02 13.83
CA GLU B 144 0.84 28.06 13.90
C GLU B 144 2.19 27.51 14.27
N ALA B 145 2.23 26.56 15.19
CA ALA B 145 3.52 26.03 15.55
C ALA B 145 4.16 25.29 14.40
N LEU B 146 3.34 24.58 13.62
CA LEU B 146 3.85 23.89 12.45
C LEU B 146 4.33 24.87 11.39
N THR B 147 3.53 25.90 11.09
CA THR B 147 3.92 26.84 10.05
C THR B 147 5.16 27.67 10.45
N LYS B 148 5.24 28.09 11.72
CA LYS B 148 6.44 28.76 12.20
C LYS B 148 7.67 27.86 12.05
N ALA B 149 7.55 26.60 12.49
CA ALA B 149 8.65 25.64 12.33
C ALA B 149 9.10 25.53 10.87
N GLU B 150 8.15 25.60 9.93
CA GLU B 150 8.49 25.58 8.52
C GLU B 150 9.24 26.84 8.11
N GLU B 151 8.65 28.00 8.41
CA GLU B 151 9.23 29.30 8.07
C GLU B 151 10.63 29.45 8.67
N LEU B 152 10.81 28.97 9.90
CA LEU B 152 12.14 28.98 10.51
C LEU B 152 13.15 28.25 9.66
N THR B 153 12.80 27.05 9.19
CA THR B 153 13.74 26.12 8.57
C THR B 153 13.70 26.11 7.04
N LYS B 154 12.99 27.04 6.41
CA LYS B 154 12.72 26.95 4.97
C LYS B 154 13.98 27.07 4.12
N ASN B 155 15.03 27.68 4.62
CA ASN B 155 16.23 27.71 3.79
C ASN B 155 17.16 26.55 4.09
N ASN B 156 16.85 25.74 5.10
CA ASN B 156 17.74 24.67 5.50
C ASN B 156 17.80 23.62 4.39
N THR B 157 19.01 23.09 4.19
CA THR B 157 19.33 22.21 3.07
C THR B 157 19.58 20.75 3.44
N GLY B 158 19.39 20.34 4.69
CA GLY B 158 19.56 18.94 5.06
C GLY B 158 18.32 18.09 4.92
N LEU B 159 18.27 17.03 5.72
CA LEU B 159 17.13 16.11 5.71
C LEU B 159 15.84 16.91 5.86
N ILE B 160 14.82 16.52 5.10
CA ILE B 160 13.50 17.11 5.22
C ILE B 160 12.65 16.26 6.15
N LEU B 161 12.35 16.76 7.34
CA LEU B 161 11.40 16.06 8.22
C LEU B 161 9.99 16.47 7.79
N ASN B 162 9.27 15.52 7.17
CA ASN B 162 7.95 15.74 6.61
C ASN B 162 6.88 15.15 7.53
N PHE B 163 6.16 16.02 8.22
CA PHE B 163 5.08 15.63 9.15
C PHE B 163 3.79 15.36 8.40
N ALA B 164 3.29 14.15 8.51
CA ALA B 164 1.96 13.81 8.00
C ALA B 164 0.96 14.03 9.13
N LEU B 165 0.18 15.12 9.05
CA LEU B 165 -0.81 15.45 10.07
C LEU B 165 -2.15 15.66 9.42
N ASN B 166 -3.17 15.10 10.06
CA ASN B 166 -4.51 15.07 9.48
C ASN B 166 -4.48 14.47 8.08
N TYR B 167 -3.66 13.43 7.92
CA TYR B 167 -3.36 12.86 6.63
C TYR B 167 -4.01 11.49 6.50
N GLY B 168 -4.62 11.24 5.33
CA GLY B 168 -5.03 9.92 4.91
C GLY B 168 -4.82 9.75 3.42
N GLY B 169 -4.21 8.63 3.04
CA GLY B 169 -3.91 8.38 1.64
C GLY B 169 -5.11 8.40 0.70
N ARG B 170 -6.17 7.65 1.03
CA ARG B 170 -7.35 7.72 0.16
C ARG B 170 -7.88 9.13 0.10
N ALA B 171 -7.91 9.81 1.24
CA ALA B 171 -8.35 11.20 1.25
C ALA B 171 -7.42 12.07 0.39
N GLU B 172 -6.10 11.86 0.49
CA GLU B 172 -5.15 12.59 -0.36
C GLU B 172 -5.43 12.41 -1.84
N ILE B 173 -5.64 11.17 -2.30
CA ILE B 173 -5.92 10.94 -3.72
C ILE B 173 -7.24 11.57 -4.15
N THR B 174 -8.25 11.55 -3.29
CA THR B 174 -9.52 12.14 -3.66
C THR B 174 -9.44 13.65 -3.89
N GLN B 175 -8.77 14.40 -2.99
CA GLN B 175 -8.63 15.84 -3.23
C GLN B 175 -7.81 16.10 -4.48
N ALA B 176 -6.81 15.26 -4.74
CA ALA B 176 -6.07 15.39 -5.97
C ALA B 176 -6.98 15.12 -7.17
N LEU B 177 -7.81 14.08 -7.08
CA LEU B 177 -8.76 13.83 -8.18
C LEU B 177 -9.76 14.97 -8.30
N LYS B 178 -10.05 15.68 -7.20
CA LYS B 178 -10.95 16.83 -7.29
C LYS B 178 -10.28 18.01 -7.97
N LEU B 179 -9.09 18.40 -7.52
CA LEU B 179 -8.34 19.48 -8.17
C LEU B 179 -8.18 19.24 -9.67
N ILE B 180 -7.89 18.01 -10.05
CA ILE B 180 -7.76 17.65 -11.47
C ILE B 180 -9.10 17.83 -12.18
N SER B 181 -10.18 17.30 -11.59
CA SER B 181 -11.49 17.55 -12.19
C SER B 181 -11.75 19.03 -12.41
N GLN B 182 -11.40 19.86 -11.43
CA GLN B 182 -11.61 21.29 -11.57
C GLN B 182 -10.69 21.92 -12.61
N ASP B 183 -9.45 21.47 -12.71
CA ASP B 183 -8.59 21.97 -13.79
C ASP B 183 -9.03 21.46 -15.17
N VAL B 184 -9.66 20.29 -15.23
CA VAL B 184 -10.25 19.80 -16.48
C VAL B 184 -11.48 20.62 -16.89
N LEU B 185 -12.34 20.97 -15.94
CA LEU B 185 -13.48 21.83 -16.29
C LEU B 185 -13.04 23.23 -16.69
N ASP B 186 -12.01 23.76 -16.04
CA ASP B 186 -11.46 25.06 -16.40
C ASP B 186 -10.64 25.01 -17.70
N ALA B 187 -10.37 23.82 -18.24
CA ALA B 187 -9.65 23.64 -19.50
C ALA B 187 -8.17 23.99 -19.38
N LYS B 188 -7.61 23.94 -18.17
CA LYS B 188 -6.17 24.07 -18.04
C LYS B 188 -5.49 22.80 -18.55
N ILE B 189 -6.03 21.64 -18.20
CA ILE B 189 -5.63 20.34 -18.71
C ILE B 189 -6.84 19.66 -19.33
N ASN B 190 -6.63 18.95 -20.48
CA ASN B 190 -7.58 18.03 -21.09
C ASN B 190 -7.51 16.68 -20.36
N PRO B 191 -8.62 15.94 -20.30
CA PRO B 191 -8.58 14.63 -19.62
C PRO B 191 -7.47 13.74 -20.12
N GLY B 192 -7.12 13.90 -21.40
CA GLY B 192 -5.96 13.22 -21.95
C GLY B 192 -4.64 13.54 -21.29
N ASP B 193 -4.51 14.74 -20.72
CA ASP B 193 -3.27 15.05 -20.02
C ASP B 193 -3.14 14.30 -18.69
N ILE B 194 -4.20 13.66 -18.18
CA ILE B 194 -4.17 12.90 -16.91
C ILE B 194 -3.37 11.61 -17.04
N THR B 195 -2.14 11.61 -16.52
CA THR B 195 -1.25 10.46 -16.50
C THR B 195 -0.73 10.22 -15.09
N GLU B 196 0.01 9.11 -14.91
CA GLU B 196 0.66 8.88 -13.62
C GLU B 196 1.54 10.06 -13.21
N GLU B 197 2.32 10.61 -14.14
CA GLU B 197 3.14 11.75 -13.78
C GLU B 197 2.27 12.89 -13.24
N LEU B 198 1.10 13.07 -13.86
CA LEU B 198 0.26 14.22 -13.52
C LEU B 198 -0.33 14.09 -12.13
N ILE B 199 -0.90 12.93 -11.81
CA ILE B 199 -1.48 12.72 -10.50
C ILE B 199 -0.43 12.95 -9.41
N GLY B 200 0.79 12.47 -9.65
CA GLY B 200 1.89 12.74 -8.75
C GLY B 200 2.13 14.20 -8.42
N ASN B 201 1.98 15.09 -9.41
CA ASN B 201 2.16 16.53 -9.17
C ASN B 201 1.06 17.16 -8.30
N TYR B 202 -0.07 16.50 -8.11
CA TYR B 202 -1.18 17.00 -7.30
C TYR B 202 -1.30 16.41 -5.90
N LEU B 203 -0.52 15.40 -5.55
CA LEU B 203 -0.55 14.86 -4.18
C LEU B 203 0.13 15.82 -3.20
N PHE B 204 -0.08 15.58 -1.90
CA PHE B 204 0.49 16.47 -0.89
C PHE B 204 2.01 16.38 -0.88
N THR B 205 2.56 15.30 -1.42
CA THR B 205 3.99 15.14 -1.56
C THR B 205 4.55 15.82 -2.80
N GLN B 206 3.70 16.53 -3.57
CA GLN B 206 4.16 17.27 -4.75
C GLN B 206 5.31 18.21 -4.43
N HIS B 207 5.32 18.79 -3.22
CA HIS B 207 6.35 19.77 -2.84
C HIS B 207 7.74 19.17 -2.65
N LEU B 208 7.87 17.86 -2.47
CA LEU B 208 9.19 17.24 -2.49
C LEU B 208 9.74 17.19 -3.91
N PRO B 209 11.06 17.22 -4.07
CA PRO B 209 11.67 17.02 -5.41
C PRO B 209 11.27 15.68 -6.01
N LYS B 210 11.20 15.61 -7.34
CA LYS B 210 10.53 14.44 -7.94
C LYS B 210 11.27 13.12 -7.69
N ASP B 211 12.61 13.05 -7.78
CA ASP B 211 13.19 11.72 -7.51
C ASP B 211 13.09 11.32 -6.04
N LEU B 212 12.65 12.23 -5.16
CA LEU B 212 12.50 11.94 -3.73
C LEU B 212 11.04 11.84 -3.23
N ARG B 213 10.04 12.02 -4.10
CA ARG B 213 8.65 12.03 -3.65
C ARG B 213 8.20 10.70 -3.05
N ASP B 214 8.72 9.59 -3.52
CA ASP B 214 8.25 8.27 -3.10
C ASP B 214 9.19 7.68 -2.06
N PRO B 215 8.69 7.26 -0.90
CA PRO B 215 9.57 6.61 0.08
C PRO B 215 10.20 5.37 -0.50
N ASP B 216 11.49 5.22 -0.25
CA ASP B 216 12.21 4.03 -0.62
C ASP B 216 11.96 2.94 0.40
N LEU B 217 11.76 3.32 1.64
CA LEU B 217 11.54 2.40 2.75
C LEU B 217 10.40 2.93 3.60
N ILE B 218 9.55 2.04 4.09
CA ILE B 218 8.54 2.43 5.06
C ILE B 218 8.73 1.53 6.29
N ILE B 219 8.93 2.16 7.45
CA ILE B 219 9.14 1.44 8.70
C ILE B 219 7.85 1.50 9.49
N ARG B 220 7.42 0.36 10.03
CA ARG B 220 6.36 0.34 11.00
C ARG B 220 6.83 -0.44 12.22
N THR B 221 6.65 0.14 13.39
CA THR B 221 7.07 -0.45 14.65
C THR B 221 5.92 -1.13 15.40
N SER B 222 6.27 -1.83 16.49
CA SER B 222 5.32 -2.46 17.40
C SER B 222 4.67 -3.69 16.81
N GLY B 223 5.25 -4.27 15.77
CA GLY B 223 4.73 -5.54 15.27
C GLY B 223 3.47 -5.49 14.41
N GLU B 224 2.94 -4.30 14.06
CA GLU B 224 1.71 -4.29 13.28
C GLU B 224 2.06 -4.44 11.80
N LEU B 225 1.45 -5.43 11.15
CA LEU B 225 1.63 -5.69 9.74
C LEU B 225 0.49 -5.17 8.87
N ARG B 226 -0.14 -4.10 9.26
CA ARG B 226 -1.21 -3.47 8.50
C ARG B 226 -0.59 -2.26 7.78
N LEU B 227 -1.25 -1.77 6.71
CA LEU B 227 -0.73 -0.54 6.09
C LEU B 227 -1.36 0.78 6.57
N SER B 228 -2.57 0.76 7.10
CA SER B 228 -3.21 1.96 7.69
C SER B 228 -3.20 3.22 6.80
N ASN B 229 -3.47 3.08 5.51
CA ASN B 229 -3.72 4.25 4.65
C ASN B 229 -2.54 5.23 4.60
N PHE B 230 -1.30 4.77 4.69
CA PHE B 230 -0.14 5.68 4.71
C PHE B 230 0.54 5.67 3.36
N LEU B 231 0.58 6.83 2.71
CA LEU B 231 1.18 6.98 1.39
C LEU B 231 0.82 5.85 0.43
N PRO B 232 -0.47 5.54 0.25
CA PRO B 232 -0.82 4.40 -0.61
C PRO B 232 -0.29 4.55 -2.02
N TRP B 233 -0.39 5.75 -2.62
CA TRP B 233 0.19 5.99 -3.93
C TRP B 233 1.72 5.97 -3.89
N GLN B 234 2.31 6.82 -3.08
CA GLN B 234 3.75 7.04 -3.17
C GLN B 234 4.53 5.81 -2.75
N GLY B 235 4.03 5.06 -1.80
CA GLY B 235 4.65 3.85 -1.30
C GLY B 235 4.36 2.59 -2.09
N ALA B 236 3.74 2.73 -3.26
CA ALA B 236 3.27 1.58 -4.01
C ALA B 236 4.36 0.54 -4.26
N TYR B 237 5.62 0.98 -4.39
CA TYR B 237 6.77 0.09 -4.61
C TYR B 237 7.76 0.05 -3.45
N SER B 238 7.38 0.51 -2.25
CA SER B 238 8.35 0.62 -1.16
C SER B 238 8.73 -0.72 -0.55
N GLU B 239 9.97 -0.80 -0.10
CA GLU B 239 10.39 -1.87 0.77
C GLU B 239 9.73 -1.60 2.12
N LEU B 240 9.31 -2.66 2.78
CA LEU B 240 8.68 -2.56 4.09
C LEU B 240 9.60 -3.13 5.14
N TYR B 241 9.57 -2.54 6.33
CA TYR B 241 10.35 -3.05 7.47
C TYR B 241 9.44 -3.04 8.69
N PHE B 242 9.16 -4.20 9.23
CA PHE B 242 8.34 -4.28 10.43
C PHE B 242 9.21 -4.72 11.60
N THR B 243 9.09 -4.05 12.74
CA THR B 243 9.84 -4.42 13.95
C THR B 243 8.93 -4.40 15.16
N ASP B 244 9.17 -5.34 16.09
CA ASP B 244 8.42 -5.34 17.36
C ASP B 244 8.83 -4.20 18.27
N THR B 245 9.99 -3.60 18.09
CA THR B 245 10.37 -2.48 18.93
C THR B 245 9.25 -1.46 18.94
N LEU B 246 8.92 -0.95 20.13
CA LEU B 246 7.90 0.08 20.23
C LEU B 246 8.49 1.41 19.81
N TRP B 247 7.68 2.27 19.21
CA TRP B 247 8.23 3.50 18.65
C TRP B 247 9.05 4.31 19.63
N PRO B 248 8.63 4.54 20.88
CA PRO B 248 9.46 5.31 21.80
C PRO B 248 10.78 4.67 22.14
N ASP B 249 10.94 3.37 21.93
CA ASP B 249 12.20 2.63 22.08
C ASP B 249 13.01 2.55 20.80
N PHE B 250 12.50 3.10 19.70
CA PHE B 250 13.19 3.12 18.41
C PHE B 250 14.24 4.23 18.42
N ASP B 251 15.49 3.87 18.25
CA ASP B 251 16.59 4.81 18.43
C ASP B 251 17.57 4.75 17.26
N GLU B 252 18.70 5.46 17.36
CA GLU B 252 19.70 5.38 16.32
C GLU B 252 20.06 3.93 15.99
N ALA B 253 20.21 3.09 17.02
CA ALA B 253 20.53 1.69 16.76
C ALA B 253 19.44 0.99 15.97
N ALA B 254 18.18 1.17 16.37
CA ALA B 254 17.07 0.57 15.64
C ALA B 254 16.92 1.13 14.23
N LEU B 255 17.16 2.42 14.03
CA LEU B 255 17.14 2.96 12.68
C LEU B 255 18.18 2.26 11.85
N GLN B 256 19.36 2.03 12.43
CA GLN B 256 20.44 1.35 11.74
C GLN B 256 20.14 -0.12 11.46
N GLU B 257 19.46 -0.82 12.39
CA GLU B 257 19.00 -2.18 12.09
C GLU B 257 18.07 -2.21 10.90
N ALA B 258 17.31 -1.13 10.67
CA ALA B 258 16.38 -1.04 9.57
C ALA B 258 17.07 -0.65 8.28
N ILE B 259 17.96 0.34 8.32
CA ILE B 259 18.68 0.70 7.11
C ILE B 259 19.59 -0.43 6.60
N LEU B 260 20.22 -1.19 7.47
CA LEU B 260 20.96 -2.34 6.97
C LEU B 260 20.05 -3.31 6.22
N ALA B 261 18.96 -3.73 6.86
CA ALA B 261 17.96 -4.65 6.32
C ALA B 261 17.29 -4.19 5.04
N TYR B 262 17.48 -2.95 4.63
CA TYR B 262 16.90 -2.45 3.37
C TYR B 262 17.25 -3.29 2.13
N ASN B 263 18.50 -3.69 1.95
CA ASN B 263 18.84 -4.54 0.75
C ASN B 263 18.29 -3.89 -0.53
N ARG B 264 17.55 -4.62 -1.36
CA ARG B 264 17.13 -4.08 -2.68
C ARG B 264 15.98 -3.10 -2.55
C1 FPP C . 6.78 -14.46 -11.66
O1 FPP C . 7.40 -14.62 -10.38
C2 FPP C . 5.33 -14.89 -11.59
C3 FPP C . 4.40 -14.39 -12.43
C4 FPP C . 4.76 -13.40 -13.49
C5 FPP C . 2.95 -14.82 -12.40
C6 FPP C . 2.83 -16.23 -11.81
C7 FPP C . 1.45 -16.87 -11.96
C8 FPP C . 1.21 -17.91 -12.78
C10 FPP C . 2.26 -18.51 -13.68
C9 FPP C . -0.17 -18.49 -12.88
C11 FPP C . -0.81 -17.83 -14.10
C12 FPP C . -2.13 -18.50 -14.37
C13 FPP C . -3.12 -17.84 -14.99
C14 FPP C . -4.40 -18.56 -15.26
C15 FPP C . -2.92 -16.39 -15.41
PA FPP C . 9.01 -14.39 -10.22
O1A FPP C . 9.59 -15.68 -9.64
O2A FPP C . 9.57 -13.91 -11.55
O3A FPP C . 8.95 -13.19 -9.05
PB FPP C . 9.82 -11.76 -8.76
O1B FPP C . 8.92 -10.56 -9.17
O2B FPP C . 10.02 -11.81 -7.22
O3B FPP C . 11.16 -11.82 -9.57
H11 FPP C . 7.30 -15.07 -12.40
H12A FPP C . 6.84 -13.42 -11.97
H2 FPP C . 5.03 -15.61 -10.84
H41 FPP C . 5.45 -13.84 -14.17
H42 FPP C . 5.22 -12.56 -13.03
H43 FPP C . 3.89 -13.10 -14.01
H51 FPP C . 2.53 -14.81 -13.41
H52 FPP C . 2.38 -14.12 -11.78
H61 FPP C . 3.09 -16.20 -10.75
H62 FPP C . 3.57 -16.87 -12.30
H7 FPP C . 0.65 -16.49 -11.34
H101 FPP C . 3.09 -18.79 -13.10
H102 FPP C . 2.55 -17.79 -14.41
H103 FPP C . 1.86 -19.35 -14.17
H91 FPP C . -0.74 -18.26 -11.98
H92 FPP C . -0.13 -19.58 -13.00
H111 FPP C . -0.16 -17.94 -14.96
H112 FPP C . -0.96 -16.77 -13.91
H12 FPP C . -2.28 -19.53 -14.08
H141 FPP C . -5.08 -17.91 -15.74
H142 FPP C . -4.83 -18.88 -14.34
H143 FPP C . -4.21 -19.40 -15.87
H151 FPP C . -2.05 -16.32 -16.02
H152 FPP C . -2.79 -15.79 -14.55
H153 FPP C . -3.76 -16.07 -15.95
C1 FPP D . -0.40 6.65 18.09
O1 FPP D . 0.21 5.48 18.69
C2 FPP D . 0.69 7.60 17.68
C3 FPP D . 0.42 8.82 17.21
C4 FPP D . -0.98 9.32 17.09
C5 FPP D . 1.59 9.68 16.86
C6 FPP D . 1.96 10.53 18.07
C7 FPP D . 3.37 11.06 17.91
C8 FPP D . 3.73 12.36 18.00
C10 FPP D . 2.71 13.43 18.31
C9 FPP D . 5.20 12.68 17.80
C11 FPP D . 5.47 14.14 17.40
C12 FPP D . 4.49 14.61 16.34
C13 FPP D . 4.37 15.92 16.08
C14 FPP D . 3.37 16.33 15.02
C15 FPP D . 5.22 16.96 16.78
PA FPP D . -0.72 4.47 19.51
O1A FPP D . -1.41 5.19 20.65
O2A FPP D . -1.58 3.76 18.46
O3A FPP D . 0.32 3.41 20.17
PB FPP D . -0.29 2.02 20.81
O1B FPP D . -0.45 1.08 19.56
O2B FPP D . 0.73 1.48 21.84
O3B FPP D . -1.59 2.48 21.50
H11 FPP D . -1.07 7.13 18.82
H12A FPP D . -1.00 6.35 17.23
H2 FPP D . 1.71 7.29 17.76
H41 FPP D . -1.42 9.37 18.05
H42 FPP D . -1.54 8.65 16.48
H43 FPP D . -0.97 10.28 16.65
H51 FPP D . 1.35 10.31 16.00
H52 FPP D . 2.44 9.04 16.57
H61 FPP D . 1.87 9.94 18.99
H62 FPP D . 1.26 11.37 18.15
H7 FPP D . 4.14 10.34 17.69
H101 FPP D . 2.20 13.17 19.21
H102 FPP D . 2.01 13.49 17.51
H103 FPP D . 3.19 14.36 18.43
H91 FPP D . 5.60 12.02 17.02
H92 FPP D . 5.75 12.46 18.72
H111 FPP D . 6.48 14.24 17.02
H112 FPP D . 5.38 14.77 18.28
H12 FPP D . 3.87 13.91 15.83
H141 FPP D . 3.38 17.39 14.92
H142 FPP D . 2.40 16.02 15.33
H143 FPP D . 3.63 15.88 14.11
H151 FPP D . 6.24 16.72 16.66
H152 FPP D . 4.97 16.97 17.82
H153 FPP D . 5.03 17.91 16.36
#